data_3S9X
#
_entry.id   3S9X
#
_cell.length_a   35.855
_cell.length_b   39.689
_cell.length_c   128.594
_cell.angle_alpha   90.00
_cell.angle_beta   90.00
_cell.angle_gamma   90.00
#
_symmetry.space_group_name_H-M   'P 21 21 21'
#
loop_
_entity.id
_entity.type
_entity.pdbx_description
1 polymer 'ASCH domain'
2 non-polymer 'CHLORIDE ION'
3 water water
#
_entity_poly.entity_id   1
_entity_poly.type   'polypeptide(L)'
_entity_poly.pdbx_seq_one_letter_code
;LYFQG(MSE)EERSQLFLEQYLSSVSREVSEKYTSFSADYFCADEYNANVCADLILRGEKRASCSLEYWYSQKGEL
(MSE)PQVGHLQVVTNWDGKPICIIEITSVSKCQYNQVSEDFAASEGEGDKSLAWWQEAHRNFFSRECHELGIEFRED
(MSE)LLVLEHFKVVYH
;
_entity_poly.pdbx_strand_id   A
#
# COMPACT_ATOMS: atom_id res chain seq x y z
N LEU A 1 12.64 -18.86 -3.66
CA LEU A 1 12.86 -19.05 -2.20
C LEU A 1 12.11 -18.08 -1.33
N TYR A 2 11.80 -16.88 -1.86
CA TYR A 2 11.18 -15.81 -1.01
C TYR A 2 9.71 -15.71 -0.98
N PHE A 3 9.04 -16.37 -1.91
CA PHE A 3 7.60 -16.22 -1.98
C PHE A 3 6.85 -17.48 -2.43
N GLN A 4 7.31 -18.64 -1.96
CA GLN A 4 6.70 -19.90 -2.36
C GLN A 4 5.26 -20.03 -2.02
N GLY A 5 4.83 -19.40 -0.91
CA GLY A 5 3.45 -19.47 -0.50
C GLY A 5 2.48 -18.45 -1.07
N GLU A 7 -0.14 -16.64 -3.34
CA GLU A 7 -1.27 -17.11 -4.16
C GLU A 7 -0.83 -17.17 -5.61
N GLU A 8 -1.20 -18.27 -6.32
CA GLU A 8 -0.60 -18.57 -7.60
C GLU A 8 -0.69 -17.52 -8.64
N ARG A 9 -1.87 -16.91 -8.76
CA ARG A 9 -2.02 -15.90 -9.81
C ARG A 9 -1.01 -14.76 -9.61
N SER A 10 -0.87 -14.30 -8.35
CA SER A 10 0.05 -13.25 -8.05
C SER A 10 1.51 -13.71 -8.13
N GLN A 11 1.80 -14.97 -7.71
CA GLN A 11 3.16 -15.53 -7.88
CA GLN A 11 3.16 -15.54 -7.88
C GLN A 11 3.59 -15.54 -9.33
N LEU A 12 2.72 -16.00 -10.23
CA LEU A 12 3.03 -16.01 -11.63
C LEU A 12 3.33 -14.64 -12.15
N PHE A 13 2.53 -13.66 -11.76
CA PHE A 13 2.68 -12.28 -12.24
C PHE A 13 4.00 -11.72 -11.77
N LEU A 14 4.31 -11.93 -10.48
CA LEU A 14 5.57 -11.48 -9.92
C LEU A 14 6.77 -12.13 -10.62
N GLU A 15 6.63 -13.42 -10.95
CA GLU A 15 7.72 -14.10 -11.69
C GLU A 15 7.89 -13.49 -13.05
N GLN A 16 6.79 -13.03 -13.69
CA GLN A 16 6.92 -12.34 -14.96
C GLN A 16 7.75 -11.09 -14.81
N TYR A 17 7.46 -10.29 -13.79
CA TYR A 17 8.25 -9.08 -13.59
C TYR A 17 9.74 -9.45 -13.37
N LEU A 18 9.99 -10.35 -12.44
CA LEU A 18 11.40 -10.69 -12.16
C LEU A 18 12.15 -11.20 -13.35
N SER A 19 11.47 -11.91 -14.24
CA SER A 19 12.11 -12.39 -15.42
CA SER A 19 12.01 -12.38 -15.48
C SER A 19 12.27 -11.29 -16.49
N SER A 20 11.60 -10.14 -16.34
CA SER A 20 11.64 -9.09 -17.36
C SER A 20 12.75 -8.09 -17.02
N VAL A 21 13.47 -8.31 -15.93
CA VAL A 21 14.59 -7.45 -15.53
C VAL A 21 15.88 -8.32 -15.44
N SER A 22 17.01 -7.69 -15.39
CA SER A 22 18.30 -8.39 -15.38
C SER A 22 18.45 -9.13 -14.06
N ARG A 23 19.36 -10.11 -14.06
CA ARG A 23 19.62 -10.91 -12.83
C ARG A 23 20.07 -10.00 -11.75
N GLU A 24 20.82 -8.96 -12.08
CA GLU A 24 21.35 -8.04 -11.03
C GLU A 24 20.21 -7.40 -10.30
N VAL A 25 19.23 -6.96 -11.07
CA VAL A 25 18.08 -6.27 -10.52
C VAL A 25 17.15 -7.21 -9.80
N SER A 26 16.86 -8.36 -10.37
CA SER A 26 15.89 -9.23 -9.71
C SER A 26 16.42 -9.79 -8.39
N GLU A 27 17.69 -10.10 -8.31
CA GLU A 27 18.23 -10.76 -7.16
C GLU A 27 18.33 -9.82 -5.99
N LYS A 28 18.18 -8.51 -6.18
CA LYS A 28 18.26 -7.58 -5.05
C LYS A 28 16.98 -7.61 -4.19
N TYR A 29 15.86 -8.02 -4.76
CA TYR A 29 14.63 -8.04 -4.04
C TYR A 29 14.55 -9.14 -3.03
N THR A 30 14.14 -8.80 -1.82
CA THR A 30 14.03 -9.73 -0.68
C THR A 30 12.76 -9.74 0.13
N SER A 31 11.83 -8.83 -0.25
CA SER A 31 10.57 -8.57 0.48
C SER A 31 9.43 -8.40 -0.49
N PHE A 32 8.43 -9.25 -0.31
CA PHE A 32 7.35 -9.42 -1.30
C PHE A 32 6.02 -9.64 -0.60
N SER A 33 4.96 -9.13 -1.22
CA SER A 33 3.59 -9.45 -0.79
C SER A 33 2.61 -9.34 -1.99
N ALA A 34 1.38 -9.78 -1.74
CA ALA A 34 0.30 -9.68 -2.72
C ALA A 34 -0.97 -9.36 -1.97
N ASP A 35 -1.64 -8.26 -2.32
CA ASP A 35 -2.84 -7.83 -1.58
CA ASP A 35 -2.87 -7.86 -1.63
C ASP A 35 -3.54 -6.76 -2.43
N TYR A 36 -4.79 -6.52 -2.08
CA TYR A 36 -5.53 -5.38 -2.51
C TYR A 36 -5.41 -4.26 -1.51
N PHE A 37 -5.73 -3.04 -1.94
CA PHE A 37 -5.82 -1.89 -1.07
C PHE A 37 -7.28 -1.71 -0.65
N CYS A 38 -7.46 -1.08 0.51
CA CYS A 38 -8.77 -0.73 1.05
C CYS A 38 -9.48 -1.94 1.69
N ALA A 39 -10.70 -1.70 2.19
CA ALA A 39 -11.46 -2.74 2.87
C ALA A 39 -12.81 -3.01 2.24
N ASP A 40 -13.03 -2.50 1.04
CA ASP A 40 -14.27 -2.79 0.32
C ASP A 40 -13.99 -2.91 -1.17
N GLU A 41 -14.84 -3.59 -1.89
CA GLU A 41 -14.64 -3.89 -3.28
C GLU A 41 -14.53 -2.63 -4.15
N TYR A 42 -15.44 -1.71 -3.97
CA TYR A 42 -15.47 -0.56 -4.81
C TYR A 42 -14.14 0.18 -4.71
N ASN A 43 -13.71 0.48 -3.47
CA ASN A 43 -12.45 1.24 -3.29
C ASN A 43 -11.23 0.36 -3.65
N ALA A 44 -11.25 -0.95 -3.40
CA ALA A 44 -10.11 -1.81 -3.77
C ALA A 44 -9.85 -1.72 -5.26
N ASN A 45 -10.95 -1.75 -6.03
CA ASN A 45 -10.80 -1.81 -7.48
C ASN A 45 -10.42 -0.46 -8.03
N VAL A 46 -11.07 0.58 -7.53
CA VAL A 46 -10.69 1.97 -7.91
C VAL A 46 -9.23 2.24 -7.56
N CYS A 47 -8.81 1.86 -6.36
CA CYS A 47 -7.40 2.11 -5.99
C CYS A 47 -6.40 1.29 -6.81
N ALA A 48 -6.72 0.03 -7.13
CA ALA A 48 -5.79 -0.71 -7.97
C ALA A 48 -5.59 0.05 -9.29
N ASP A 49 -6.68 0.57 -9.86
CA ASP A 49 -6.60 1.28 -11.11
C ASP A 49 -5.90 2.63 -10.99
N LEU A 50 -6.13 3.36 -9.90
CA LEU A 50 -5.41 4.59 -9.66
C LEU A 50 -3.94 4.32 -9.56
N ILE A 51 -3.58 3.22 -8.87
CA ILE A 51 -2.14 2.91 -8.74
C ILE A 51 -1.55 2.57 -10.12
N LEU A 52 -2.24 1.71 -10.85
CA LEU A 52 -1.87 1.32 -12.22
C LEU A 52 -1.49 2.53 -13.04
N ARG A 53 -2.39 3.53 -13.01
CA ARG A 53 -2.32 4.73 -13.85
C ARG A 53 -1.38 5.82 -13.30
N GLY A 54 -0.74 5.58 -12.15
CA GLY A 54 0.15 6.58 -11.59
C GLY A 54 -0.51 7.70 -10.82
N GLU A 55 -1.81 7.58 -10.57
CA GLU A 55 -2.52 8.57 -9.81
C GLU A 55 -2.43 8.40 -8.27
N LYS A 56 -2.27 7.17 -7.81
CA LYS A 56 -2.10 6.86 -6.40
C LYS A 56 -0.69 6.34 -6.27
N ARG A 57 0.11 7.09 -5.50
CA ARG A 57 1.56 6.83 -5.38
C ARG A 57 1.99 6.76 -3.92
N ALA A 58 1.02 6.66 -3.00
CA ALA A 58 1.32 6.66 -1.56
C ALA A 58 0.13 6.03 -0.86
N SER A 59 0.39 5.60 0.35
CA SER A 59 -0.61 5.06 1.27
C SER A 59 -0.17 5.25 2.68
N CYS A 60 -1.06 5.03 3.65
CA CYS A 60 -0.67 5.14 5.02
C CYS A 60 -1.46 4.10 5.89
N SER A 61 -0.95 3.94 7.10
CA SER A 61 -1.52 3.04 8.08
C SER A 61 -1.20 3.52 9.49
N LEU A 62 -1.93 3.03 10.48
CA LEU A 62 -1.66 3.37 11.87
C LEU A 62 -0.37 2.78 12.34
N GLU A 63 0.47 3.62 12.91
CA GLU A 63 1.75 3.13 13.46
C GLU A 63 1.58 2.11 14.60
N TYR A 64 0.45 2.18 15.28
CA TYR A 64 0.08 1.29 16.36
C TYR A 64 0.24 -0.17 15.94
N TRP A 65 -0.03 -0.48 14.67
CA TRP A 65 0.08 -1.87 14.21
C TRP A 65 1.50 -2.39 14.37
N TYR A 66 2.47 -1.51 14.20
CA TYR A 66 3.86 -1.94 14.17
C TYR A 66 4.43 -1.88 15.58
N SER A 67 4.27 -0.75 16.26
CA SER A 67 4.80 -0.60 17.59
C SER A 67 4.07 -1.40 18.67
N GLN A 68 2.77 -1.62 18.55
CA GLN A 68 2.06 -2.29 19.61
C GLN A 68 1.60 -3.65 19.24
N LYS A 69 1.34 -3.89 17.96
CA LYS A 69 0.85 -5.17 17.56
C LYS A 69 1.93 -6.04 16.91
N GLY A 70 3.11 -5.49 16.75
CA GLY A 70 4.26 -6.22 16.29
C GLY A 70 4.34 -6.54 14.81
N GLU A 71 3.51 -5.89 13.99
CA GLU A 71 3.59 -6.03 12.57
C GLU A 71 4.92 -5.51 12.05
N LEU A 72 5.45 -6.15 11.03
CA LEU A 72 6.72 -5.68 10.49
C LEU A 72 6.54 -4.37 9.72
N PRO A 74 6.90 -1.58 6.94
CA PRO A 74 7.19 -1.56 5.51
C PRO A 74 8.63 -1.14 5.25
N GLN A 75 9.23 -1.69 4.21
CA GLN A 75 10.62 -1.45 3.86
C GLN A 75 10.73 -0.90 2.45
N VAL A 76 11.61 0.08 2.28
CA VAL A 76 12.07 0.48 0.99
C VAL A 76 12.51 -0.73 0.17
N GLY A 77 12.09 -0.79 -1.09
CA GLY A 77 12.47 -1.87 -1.98
C GLY A 77 11.52 -3.08 -1.96
N HIS A 78 10.56 -3.12 -1.01
CA HIS A 78 9.52 -4.11 -1.04
C HIS A 78 8.74 -4.08 -2.37
N LEU A 79 8.37 -5.25 -2.86
CA LEU A 79 7.47 -5.38 -3.97
C LEU A 79 6.12 -5.95 -3.51
N GLN A 80 5.07 -5.26 -3.92
CA GLN A 80 3.70 -5.73 -3.70
C GLN A 80 3.04 -5.95 -5.07
N VAL A 81 2.49 -7.15 -5.25
CA VAL A 81 1.57 -7.40 -6.30
C VAL A 81 0.25 -6.80 -5.84
N VAL A 82 -0.19 -5.78 -6.54
CA VAL A 82 -1.49 -5.07 -6.28
C VAL A 82 -2.56 -5.81 -7.02
N THR A 83 -3.45 -6.45 -6.28
CA THR A 83 -4.58 -7.13 -6.91
C THR A 83 -5.86 -6.28 -6.78
N ASN A 84 -6.85 -6.65 -7.55
CA ASN A 84 -8.16 -6.17 -7.30
C ASN A 84 -8.81 -6.96 -6.17
N TRP A 85 -10.07 -6.65 -5.87
CA TRP A 85 -10.77 -7.30 -4.78
C TRP A 85 -10.76 -8.81 -4.86
N ASP A 86 -10.88 -9.27 -6.09
CA ASP A 86 -10.95 -10.67 -6.41
C ASP A 86 -9.61 -11.38 -6.65
N GLY A 87 -8.55 -10.68 -6.29
CA GLY A 87 -7.24 -11.28 -6.36
C GLY A 87 -6.57 -11.29 -7.72
N LYS A 88 -7.17 -10.74 -8.74
CA LYS A 88 -6.58 -10.62 -10.04
C LYS A 88 -5.42 -9.63 -9.97
N PRO A 89 -4.22 -10.04 -10.36
CA PRO A 89 -3.09 -9.05 -10.37
C PRO A 89 -3.37 -7.89 -11.33
N ILE A 90 -3.16 -6.67 -10.86
CA ILE A 90 -3.36 -5.49 -11.73
C ILE A 90 -1.96 -4.84 -12.03
N CYS A 91 -1.11 -4.70 -11.02
CA CYS A 91 0.20 -4.11 -11.22
C CYS A 91 1.10 -4.55 -10.05
N ILE A 92 2.38 -4.19 -10.17
CA ILE A 92 3.32 -4.44 -9.11
C ILE A 92 3.93 -3.06 -8.71
N ILE A 93 4.00 -2.81 -7.42
CA ILE A 93 4.58 -1.61 -6.89
C ILE A 93 5.83 -1.89 -6.10
N GLU A 94 6.76 -0.92 -6.05
CA GLU A 94 8.01 -1.01 -5.28
C GLU A 94 7.97 0.19 -4.33
N ILE A 95 8.12 -0.09 -3.04
CA ILE A 95 8.21 0.95 -2.03
CA ILE A 95 8.17 0.98 -2.05
C ILE A 95 9.46 1.80 -2.22
N THR A 96 9.31 3.12 -2.21
CA THR A 96 10.40 4.04 -2.44
C THR A 96 10.77 4.88 -1.20
N SER A 97 9.87 5.00 -0.22
CA SER A 97 10.16 5.71 1.02
C SER A 97 9.18 5.35 2.08
N VAL A 98 9.60 5.46 3.32
CA VAL A 98 8.79 5.18 4.53
C VAL A 98 9.11 6.25 5.57
N SER A 99 8.08 6.84 6.15
CA SER A 99 8.26 7.84 7.22
C SER A 99 7.03 7.88 8.09
N LYS A 100 7.07 8.73 9.12
CA LYS A 100 5.92 8.86 10.04
C LYS A 100 5.42 10.30 10.17
N CYS A 101 4.12 10.44 10.38
CA CYS A 101 3.57 11.77 10.75
CA CYS A 101 3.51 11.74 10.51
C CYS A 101 2.27 11.56 11.44
N GLN A 102 1.89 12.55 12.25
CA GLN A 102 0.60 12.49 12.92
C GLN A 102 -0.52 12.63 11.93
N TYR A 103 -1.63 11.95 12.20
CA TYR A 103 -2.84 12.11 11.42
C TYR A 103 -3.22 13.59 11.19
N ASN A 104 -3.16 14.38 12.26
CA ASN A 104 -3.58 15.76 12.16
C ASN A 104 -2.57 16.69 11.48
N GLN A 105 -1.42 16.14 11.09
CA GLN A 105 -0.39 16.87 10.41
C GLN A 105 -0.25 16.45 8.95
N VAL A 106 -1.07 15.53 8.47
CA VAL A 106 -1.04 15.15 7.07
C VAL A 106 -1.26 16.33 6.17
N SER A 107 -0.41 16.48 5.19
CA SER A 107 -0.41 17.60 4.28
C SER A 107 -1.32 17.46 3.10
N GLU A 108 -1.63 18.57 2.45
CA GLU A 108 -2.36 18.54 1.19
C GLU A 108 -1.58 17.76 0.15
N ASP A 109 -0.27 17.93 0.10
CA ASP A 109 0.50 17.24 -0.88
C ASP A 109 0.45 15.70 -0.68
N PHE A 110 0.48 15.22 0.57
CA PHE A 110 0.39 13.80 0.80
C PHE A 110 -0.97 13.24 0.38
N ALA A 111 -2.05 13.96 0.72
CA ALA A 111 -3.39 13.58 0.33
C ALA A 111 -3.44 13.50 -1.21
N ALA A 112 -2.82 14.47 -1.90
CA ALA A 112 -2.83 14.41 -3.39
C ALA A 112 -2.07 13.20 -3.93
N SER A 113 -0.93 12.84 -3.29
CA SER A 113 -0.15 11.65 -3.65
C SER A 113 -0.95 10.40 -3.45
N GLU A 114 -1.76 10.34 -2.39
CA GLU A 114 -2.64 9.19 -2.20
C GLU A 114 -3.67 9.09 -3.33
N GLY A 115 -4.04 10.21 -3.93
CA GLY A 115 -4.72 10.27 -5.22
C GLY A 115 -6.15 9.86 -5.33
N GLU A 116 -6.84 9.72 -4.19
CA GLU A 116 -8.25 9.27 -4.15
C GLU A 116 -9.26 10.42 -4.16
N GLY A 117 -10.47 10.12 -4.60
CA GLY A 117 -11.51 11.14 -4.71
C GLY A 117 -11.04 12.34 -5.50
N ASP A 118 -11.30 13.53 -4.98
CA ASP A 118 -10.90 14.74 -5.65
C ASP A 118 -9.49 15.19 -5.27
N LYS A 119 -8.79 14.31 -4.56
CA LYS A 119 -7.39 14.53 -4.15
C LYS A 119 -7.18 15.51 -3.03
N SER A 120 -8.29 16.03 -2.48
CA SER A 120 -8.22 17.02 -1.44
C SER A 120 -7.91 16.41 -0.07
N LEU A 121 -7.39 17.27 0.80
CA LEU A 121 -7.15 16.81 2.18
C LEU A 121 -8.48 16.55 2.88
N ALA A 122 -9.51 17.36 2.57
CA ALA A 122 -10.79 17.06 3.21
C ALA A 122 -11.32 15.64 2.90
N TRP A 123 -11.24 15.26 1.64
CA TRP A 123 -11.69 13.93 1.22
C TRP A 123 -10.85 12.84 1.90
N TRP A 124 -9.54 13.03 1.90
CA TRP A 124 -8.60 12.14 2.56
C TRP A 124 -8.99 11.97 4.04
N GLN A 125 -9.32 13.11 4.70
CA GLN A 125 -9.65 13.04 6.13
C GLN A 125 -10.90 12.26 6.38
N GLU A 126 -11.93 12.52 5.59
CA GLU A 126 -13.24 11.90 5.80
C GLU A 126 -13.04 10.40 5.69
N ALA A 127 -12.37 9.99 4.61
CA ALA A 127 -12.12 8.58 4.37
C ALA A 127 -11.26 7.85 5.43
N HIS A 128 -10.17 8.46 5.79
CA HIS A 128 -9.27 7.86 6.74
C HIS A 128 -9.84 7.89 8.17
N ARG A 129 -10.57 8.92 8.55
CA ARG A 129 -11.09 8.94 9.94
C ARG A 129 -12.02 7.78 10.18
N ASN A 130 -12.84 7.52 9.18
CA ASN A 130 -13.78 6.43 9.22
C ASN A 130 -13.10 5.08 9.33
N PHE A 131 -12.14 4.86 8.46
CA PHE A 131 -11.44 3.62 8.40
C PHE A 131 -10.61 3.38 9.65
N PHE A 132 -9.90 4.42 10.10
CA PHE A 132 -9.05 4.24 11.26
C PHE A 132 -9.89 4.08 12.54
N SER A 133 -11.05 4.75 12.61
CA SER A 133 -11.94 4.58 13.79
C SER A 133 -12.39 3.13 13.95
N ARG A 134 -12.74 2.52 12.82
CA ARG A 134 -13.15 1.10 12.81
C ARG A 134 -12.01 0.20 13.25
N GLU A 135 -10.82 0.41 12.70
CA GLU A 135 -9.64 -0.38 13.12
C GLU A 135 -9.37 -0.19 14.60
N CYS A 136 -9.44 1.03 15.08
CA CYS A 136 -9.16 1.30 16.45
C CYS A 136 -10.16 0.55 17.37
N HIS A 137 -11.45 0.56 17.03
CA HIS A 137 -12.42 -0.17 17.84
C HIS A 137 -11.98 -1.64 17.96
N GLU A 138 -11.63 -2.29 16.82
CA GLU A 138 -11.22 -3.67 16.88
C GLU A 138 -9.95 -3.87 17.65
N LEU A 139 -9.06 -2.86 17.64
CA LEU A 139 -7.84 -2.90 18.45
C LEU A 139 -8.07 -2.65 19.94
N GLY A 140 -9.27 -2.19 20.28
CA GLY A 140 -9.59 -1.93 21.68
C GLY A 140 -9.18 -0.55 22.18
N ILE A 141 -9.01 0.38 21.24
CA ILE A 141 -8.63 1.77 21.54
C ILE A 141 -9.57 2.73 20.80
N GLU A 142 -9.50 4.02 21.17
CA GLU A 142 -10.23 5.04 20.43
C GLU A 142 -9.24 5.78 19.52
N PHE A 143 -9.73 6.08 18.36
CA PHE A 143 -8.98 6.85 17.39
C PHE A 143 -8.83 8.28 17.93
N ARG A 144 -7.65 8.83 17.79
CA ARG A 144 -7.34 10.21 18.14
C ARG A 144 -6.53 10.79 16.97
N GLU A 145 -6.76 12.08 16.72
CA GLU A 145 -6.17 12.74 15.60
C GLU A 145 -4.67 12.91 15.74
N ASP A 146 -4.18 12.80 16.98
CA ASP A 146 -2.72 12.86 17.27
C ASP A 146 -2.01 11.55 17.09
N LEU A 148 0.05 8.60 15.43
CA LEU A 148 1.03 8.51 14.36
C LEU A 148 0.62 7.56 13.26
N LEU A 149 0.97 7.95 12.03
CA LEU A 149 0.78 7.16 10.81
C LEU A 149 2.16 6.78 10.27
N VAL A 150 2.20 5.63 9.61
CA VAL A 150 3.31 5.29 8.75
C VAL A 150 2.93 5.59 7.31
N LEU A 151 3.73 6.45 6.69
CA LEU A 151 3.52 6.92 5.29
C LEU A 151 4.42 6.10 4.41
N GLU A 152 3.85 5.54 3.32
CA GLU A 152 4.63 4.83 2.30
C GLU A 152 4.44 5.49 0.95
N HIS A 153 5.53 5.72 0.23
CA HIS A 153 5.47 6.12 -1.15
C HIS A 153 5.93 4.95 -2.01
N PHE A 154 5.45 4.86 -3.23
CA PHE A 154 5.75 3.73 -4.07
C PHE A 154 5.60 4.12 -5.58
N LYS A 155 6.10 3.21 -6.41
CA LYS A 155 6.07 3.39 -7.85
C LYS A 155 5.67 2.09 -8.50
N VAL A 156 4.97 2.15 -9.64
CA VAL A 156 4.67 1.00 -10.45
C VAL A 156 5.96 0.54 -11.15
N VAL A 157 6.27 -0.76 -11.09
CA VAL A 157 7.35 -1.36 -11.84
C VAL A 157 6.90 -2.39 -12.87
N TYR A 158 5.65 -2.82 -12.82
CA TYR A 158 5.17 -3.81 -13.79
C TYR A 158 3.65 -3.78 -13.88
N HIS A 159 3.13 -4.12 -15.04
CA HIS A 159 1.70 -4.35 -15.22
C HIS A 159 1.47 -5.13 -16.50
#